data_5BOY
#
_entry.id   5BOY
#
_cell.length_a   135.079
_cell.length_b   36.051
_cell.length_c   95.908
_cell.angle_alpha   90.00
_cell.angle_beta   131.26
_cell.angle_gamma   90.00
#
_symmetry.space_group_name_H-M   'C 1 2 1'
#
loop_
_entity.id
_entity.type
_entity.pdbx_description
1 polymer 'Collagenase 3'
2 non-polymer 'ZINC ION'
3 non-polymer 'CALCIUM ION'
4 non-polymer 'ethyl 5-(1-methyl-1H-imidazol-5-yl)-1H-indole-2-carboxylate'
5 water water
#
_entity_poly.entity_id   1
_entity_poly.type   'polypeptide(L)'
_entity_poly.pdbx_seq_one_letter_code
;YNVFPRTLKWSKMNLTYRIVNYTPDMTHSEVEKAFKKAFKVWSDVTPLNFTRLHDGIADIMISFGIKEHGDFYPFDGPSG
LLAHAFPPGPNYGGDAHFDDDETWTSSSKGYNLFLVAAHEFGHSLGLDHSKDPGALMFPIYTYTGKSHFMLPDDDVQGIQ
SLYGPGDEDPN
;
_entity_poly.pdbx_strand_id   A,B
#
loop_
_chem_comp.id
_chem_comp.type
_chem_comp.name
_chem_comp.formula
4UE non-polymer 'ethyl 5-(1-methyl-1H-imidazol-5-yl)-1H-indole-2-carboxylate' 'C15 H15 N3 O2'
CA non-polymer 'CALCIUM ION' 'Ca 2'
ZN non-polymer 'ZINC ION' 'Zn 2'
#
# COMPACT_ATOMS: atom_id res chain seq x y z
N TYR A 1 0.50 10.00 18.34
CA TYR A 1 1.26 9.48 17.20
C TYR A 1 0.83 8.07 16.83
N ASN A 2 1.18 7.65 15.63
CA ASN A 2 0.89 6.30 15.16
C ASN A 2 2.01 5.72 14.33
N VAL A 3 2.43 4.52 14.69
CA VAL A 3 3.40 3.79 13.90
C VAL A 3 2.63 2.92 12.89
N PHE A 4 3.31 2.50 11.82
CA PHE A 4 2.69 1.62 10.83
C PHE A 4 2.43 0.24 11.42
N PRO A 5 1.27 -0.35 11.10
CA PRO A 5 0.91 -1.71 11.51
C PRO A 5 2.01 -2.74 11.22
N ARG A 6 2.01 -3.84 11.96
CA ARG A 6 3.04 -4.87 11.81
C ARG A 6 2.91 -5.65 10.50
N THR A 7 1.68 -5.86 10.05
CA THR A 7 1.43 -6.61 8.82
C THR A 7 0.44 -5.84 7.94
N LEU A 8 0.51 -6.08 6.64
CA LEU A 8 -0.43 -5.48 5.69
C LEU A 8 -1.85 -5.97 5.91
N LYS A 9 -2.69 -5.13 6.52
CA LYS A 9 -4.10 -5.48 6.69
C LYS A 9 -4.97 -4.26 6.68
N TRP A 10 -6.27 -4.46 6.44
CA TRP A 10 -7.21 -3.36 6.43
C TRP A 10 -7.41 -2.89 7.86
N SER A 11 -7.61 -1.60 8.05
CA SER A 11 -7.75 -1.04 9.40
C SER A 11 -9.21 -0.81 9.77
N LYS A 12 -10.10 -1.32 8.92
CA LYS A 12 -11.53 -1.20 9.15
C LYS A 12 -12.14 -2.53 8.79
N MET A 13 -13.27 -2.86 9.41
CA MET A 13 -13.88 -4.16 9.21
C MET A 13 -14.93 -4.14 8.11
N ASN A 14 -15.43 -2.96 7.77
CA ASN A 14 -16.43 -2.82 6.72
C ASN A 14 -15.73 -2.54 5.40
N LEU A 15 -15.70 -3.53 4.51
CA LEU A 15 -15.01 -3.36 3.24
C LEU A 15 -16.01 -3.35 2.11
N THR A 16 -15.70 -2.64 1.04
CA THR A 16 -16.59 -2.59 -0.10
C THR A 16 -15.89 -3.22 -1.29
N TYR A 17 -16.67 -3.78 -2.19
CA TYR A 17 -16.11 -4.27 -3.43
C TYR A 17 -16.96 -3.81 -4.61
N ARG A 18 -16.36 -3.82 -5.79
CA ARG A 18 -17.07 -3.46 -7.01
C ARG A 18 -16.62 -4.37 -8.14
N ILE A 19 -17.58 -4.96 -8.82
CA ILE A 19 -17.28 -5.75 -10.02
C ILE A 19 -17.30 -4.78 -11.19
N VAL A 20 -16.11 -4.43 -11.66
CA VAL A 20 -15.94 -3.39 -12.67
C VAL A 20 -16.42 -3.82 -14.04
N ASN A 21 -16.14 -5.07 -14.39
CA ASN A 21 -16.58 -5.62 -15.66
C ASN A 21 -16.71 -7.13 -15.55
N TYR A 22 -17.21 -7.76 -16.61
CA TYR A 22 -17.57 -9.17 -16.55
C TYR A 22 -16.95 -10.02 -17.65
N THR A 23 -16.61 -11.26 -17.33
CA THR A 23 -16.15 -12.22 -18.32
C THR A 23 -17.28 -12.58 -19.29
N PRO A 24 -16.92 -12.89 -20.55
CA PRO A 24 -17.90 -13.39 -21.52
C PRO A 24 -18.45 -14.77 -21.14
N ASP A 25 -17.70 -15.53 -20.32
CA ASP A 25 -17.95 -16.95 -20.10
C ASP A 25 -19.17 -17.28 -19.24
N MET A 26 -19.57 -16.34 -18.39
CA MET A 26 -20.62 -16.59 -17.39
C MET A 26 -21.61 -15.44 -17.41
N THR A 27 -22.84 -15.69 -16.96
CA THR A 27 -23.81 -14.61 -16.85
C THR A 27 -23.37 -13.66 -15.74
N HIS A 28 -23.88 -12.43 -15.76
CA HIS A 28 -23.66 -11.48 -14.67
C HIS A 28 -24.06 -12.11 -13.33
N SER A 29 -25.18 -12.80 -13.33
CA SER A 29 -25.70 -13.45 -12.13
C SER A 29 -24.74 -14.50 -11.56
N GLU A 30 -24.17 -15.32 -12.43
CA GLU A 30 -23.21 -16.35 -12.02
C GLU A 30 -21.94 -15.74 -11.42
N VAL A 31 -21.48 -14.65 -12.02
CA VAL A 31 -20.28 -13.97 -11.52
C VAL A 31 -20.55 -13.31 -10.16
N GLU A 32 -21.68 -12.63 -10.05
CA GLU A 32 -22.06 -11.99 -8.79
C GLU A 32 -22.18 -13.01 -7.67
N LYS A 33 -22.82 -14.14 -7.95
CA LYS A 33 -22.96 -15.19 -6.95
C LYS A 33 -21.62 -15.79 -6.53
N ALA A 34 -20.75 -16.01 -7.50
CA ALA A 34 -19.43 -16.58 -7.23
C ALA A 34 -18.64 -15.66 -6.31
N PHE A 35 -18.60 -14.37 -6.62
CA PHE A 35 -17.87 -13.41 -5.79
C PHE A 35 -18.50 -13.23 -4.41
N LYS A 36 -19.83 -13.23 -4.35
CA LYS A 36 -20.50 -13.05 -3.06
C LYS A 36 -20.15 -14.21 -2.13
N LYS A 37 -20.17 -15.43 -2.67
CA LYS A 37 -19.85 -16.62 -1.88
C LYS A 37 -18.37 -16.66 -1.46
N ALA A 38 -17.50 -16.18 -2.35
CA ALA A 38 -16.07 -16.11 -2.07
C ALA A 38 -15.75 -15.18 -0.90
N PHE A 39 -16.40 -14.02 -0.86
CA PHE A 39 -16.25 -13.13 0.28
C PHE A 39 -16.80 -13.74 1.58
N LYS A 40 -17.92 -14.47 1.48
CA LYS A 40 -18.53 -15.10 2.64
C LYS A 40 -17.61 -16.16 3.27
N VAL A 41 -16.77 -16.78 2.45
CA VAL A 41 -15.75 -17.68 2.95
C VAL A 41 -14.93 -17.01 4.04
N TRP A 42 -14.65 -15.72 3.87
CA TRP A 42 -13.76 -15.02 4.79
C TRP A 42 -14.52 -14.27 5.89
N SER A 43 -15.68 -13.72 5.55
CA SER A 43 -16.47 -13.00 6.56
C SER A 43 -17.00 -13.98 7.60
N ASP A 44 -17.22 -15.23 7.19
CA ASP A 44 -17.73 -16.24 8.11
C ASP A 44 -16.77 -16.55 9.27
N VAL A 45 -15.48 -16.28 9.10
CA VAL A 45 -14.51 -16.63 10.14
C VAL A 45 -13.72 -15.46 10.71
N THR A 46 -14.21 -14.25 10.46
CA THR A 46 -13.61 -13.01 10.98
C THR A 46 -14.75 -12.02 11.27
N PRO A 47 -14.41 -10.81 11.74
CA PRO A 47 -15.44 -9.78 11.90
C PRO A 47 -15.58 -8.92 10.62
N LEU A 48 -14.98 -9.34 9.51
CA LEU A 48 -15.05 -8.56 8.28
C LEU A 48 -16.45 -8.59 7.65
N ASN A 49 -16.86 -7.46 7.08
CA ASN A 49 -18.12 -7.36 6.35
C ASN A 49 -17.81 -6.85 4.95
N PHE A 50 -18.49 -7.40 3.95
CA PHE A 50 -18.27 -6.99 2.54
C PHE A 50 -19.56 -6.52 1.90
N THR A 51 -19.56 -5.28 1.43
CA THR A 51 -20.74 -4.73 0.79
C THR A 51 -20.40 -4.37 -0.64
N ARG A 52 -21.28 -4.69 -1.56
CA ARG A 52 -21.02 -4.43 -2.97
C ARG A 52 -21.42 -3.00 -3.36
N LEU A 53 -20.57 -2.37 -4.15
CA LEU A 53 -20.84 -1.08 -4.77
C LEU A 53 -21.00 -1.27 -6.27
N HIS A 54 -21.91 -0.54 -6.90
CA HIS A 54 -22.12 -0.67 -8.32
C HIS A 54 -21.30 0.30 -9.15
N ASP A 55 -20.81 1.36 -8.51
CA ASP A 55 -19.98 2.36 -9.16
C ASP A 55 -19.05 2.99 -8.13
N GLY A 56 -18.15 3.86 -8.59
CA GLY A 56 -17.25 4.57 -7.72
C GLY A 56 -16.07 3.74 -7.23
N ILE A 57 -15.41 4.20 -6.18
CA ILE A 57 -14.17 3.59 -5.74
C ILE A 57 -14.46 2.66 -4.57
N ALA A 58 -14.13 1.39 -4.73
CA ALA A 58 -14.31 0.42 -3.66
C ALA A 58 -12.97 0.03 -3.08
N ASP A 59 -12.98 -0.61 -1.92
CA ASP A 59 -11.74 -1.11 -1.33
C ASP A 59 -11.17 -2.22 -2.21
N ILE A 60 -12.06 -3.08 -2.72
CA ILE A 60 -11.63 -4.19 -3.56
C ILE A 60 -12.26 -4.05 -4.95
N MET A 61 -11.48 -3.53 -5.91
CA MET A 61 -11.92 -3.38 -7.30
C MET A 61 -11.62 -4.65 -8.05
N ILE A 62 -12.65 -5.28 -8.62
CA ILE A 62 -12.50 -6.55 -9.31
C ILE A 62 -12.70 -6.39 -10.80
N SER A 63 -11.77 -6.91 -11.59
CA SER A 63 -11.92 -6.80 -13.02
C SER A 63 -11.34 -7.98 -13.77
N PHE A 64 -11.80 -8.13 -15.01
CA PHE A 64 -11.30 -9.13 -15.93
C PHE A 64 -10.54 -8.41 -17.02
N GLY A 65 -9.32 -8.84 -17.30
CA GLY A 65 -8.54 -8.20 -18.35
C GLY A 65 -7.58 -9.17 -19.01
N ILE A 66 -6.93 -8.74 -20.08
CA ILE A 66 -5.93 -9.57 -20.72
C ILE A 66 -4.60 -8.84 -20.87
N LYS A 67 -3.54 -9.62 -21.05
CA LYS A 67 -2.23 -9.06 -21.31
C LYS A 67 -1.95 -7.87 -20.39
N GLU A 68 -1.50 -6.75 -20.95
CA GLU A 68 -1.29 -5.54 -20.14
C GLU A 68 -2.64 -4.91 -19.80
N HIS A 69 -2.91 -4.71 -18.51
CA HIS A 69 -4.21 -4.22 -18.08
C HIS A 69 -4.11 -3.15 -16.99
N GLY A 70 -2.94 -2.54 -16.85
CA GLY A 70 -2.80 -1.37 -16.02
C GLY A 70 -1.98 -1.56 -14.76
N ASP A 71 -1.09 -2.54 -14.77
CA ASP A 71 -0.19 -2.72 -13.63
C ASP A 71 1.09 -3.37 -14.09
N PHE A 72 1.91 -3.79 -13.13
CA PHE A 72 3.22 -4.34 -13.44
C PHE A 72 3.14 -5.85 -13.63
N TYR A 73 1.93 -6.39 -13.72
CA TYR A 73 1.77 -7.84 -13.81
C TYR A 73 0.88 -8.28 -14.97
N PRO A 74 1.36 -8.08 -16.22
CA PRO A 74 0.62 -8.43 -17.42
C PRO A 74 0.22 -9.91 -17.44
N PHE A 75 -0.98 -10.20 -17.94
CA PHE A 75 -1.37 -11.59 -18.08
C PHE A 75 -0.74 -12.14 -19.37
N ASP A 76 -0.91 -13.43 -19.60
CA ASP A 76 -0.12 -14.12 -20.61
C ASP A 76 -0.92 -14.98 -21.57
N GLY A 77 -2.18 -14.61 -21.81
CA GLY A 77 -3.03 -15.39 -22.71
C GLY A 77 -3.46 -16.70 -22.07
N PRO A 78 -4.10 -17.59 -22.83
CA PRO A 78 -4.67 -18.81 -22.25
C PRO A 78 -3.63 -19.63 -21.45
N SER A 79 -4.05 -20.22 -20.34
CA SER A 79 -3.17 -21.07 -19.53
C SER A 79 -2.16 -20.20 -18.78
N GLY A 80 -1.29 -20.80 -17.95
CA GLY A 80 -0.30 -20.02 -17.22
C GLY A 80 -0.92 -19.26 -16.06
N LEU A 81 -0.61 -17.96 -15.93
CA LEU A 81 -1.17 -17.13 -14.85
C LEU A 81 -2.68 -17.03 -15.01
N LEU A 82 -3.43 -17.09 -13.92
CA LEU A 82 -4.90 -17.09 -13.99
C LEU A 82 -5.48 -15.80 -13.41
N ALA A 83 -4.88 -15.32 -12.34
CA ALA A 83 -5.43 -14.21 -11.58
C ALA A 83 -4.38 -13.75 -10.59
N HIS A 84 -4.54 -12.53 -10.10
CA HIS A 84 -3.72 -12.06 -8.99
C HIS A 84 -4.46 -10.97 -8.21
N ALA A 85 -3.99 -10.68 -7.01
CA ALA A 85 -4.67 -9.69 -6.18
C ALA A 85 -3.61 -8.99 -5.33
N PHE A 86 -3.84 -7.71 -5.06
CA PHE A 86 -2.88 -6.89 -4.33
C PHE A 86 -3.21 -6.85 -2.86
N PRO A 87 -2.17 -6.84 -2.01
CA PRO A 87 -2.35 -6.78 -0.56
C PRO A 87 -3.03 -5.48 -0.14
N PRO A 88 -3.61 -5.45 1.06
CA PRO A 88 -4.27 -4.25 1.55
C PRO A 88 -3.34 -3.04 1.45
N GLY A 89 -3.88 -1.93 0.98
CA GLY A 89 -3.08 -0.72 0.82
C GLY A 89 -3.91 0.32 0.09
N PRO A 90 -3.34 1.52 -0.10
CA PRO A 90 -3.98 2.62 -0.82
C PRO A 90 -4.17 2.29 -2.30
N ASN A 91 -5.05 3.02 -2.96
CA ASN A 91 -5.22 2.92 -4.41
C ASN A 91 -5.50 1.51 -4.93
N TYR A 92 -4.56 0.90 -5.63
CA TYR A 92 -4.78 -0.46 -6.17
C TYR A 92 -4.75 -1.55 -5.11
N GLY A 93 -4.38 -1.19 -3.88
CA GLY A 93 -4.32 -2.17 -2.80
C GLY A 93 -5.64 -2.92 -2.67
N GLY A 94 -5.59 -4.24 -2.54
CA GLY A 94 -6.80 -5.03 -2.41
C GLY A 94 -7.46 -5.46 -3.73
N ASP A 95 -7.09 -4.80 -4.84
CA ASP A 95 -7.73 -5.09 -6.13
C ASP A 95 -7.44 -6.50 -6.62
N ALA A 96 -8.41 -7.07 -7.33
CA ALA A 96 -8.30 -8.45 -7.80
C ALA A 96 -8.54 -8.51 -9.30
N HIS A 97 -7.61 -9.11 -10.03
CA HIS A 97 -7.67 -9.16 -11.47
C HIS A 97 -7.71 -10.60 -11.94
N PHE A 98 -8.58 -10.87 -12.90
CA PHE A 98 -8.74 -12.20 -13.42
C PHE A 98 -8.42 -12.20 -14.93
N ASP A 99 -7.63 -13.16 -15.36
CA ASP A 99 -7.24 -13.22 -16.76
C ASP A 99 -8.38 -13.71 -17.63
N ASP A 100 -8.92 -12.83 -18.47
CA ASP A 100 -10.06 -13.20 -19.29
C ASP A 100 -9.69 -14.00 -20.55
N ASP A 101 -8.42 -14.38 -20.68
CA ASP A 101 -8.05 -15.38 -21.68
C ASP A 101 -8.24 -16.79 -21.14
N GLU A 102 -8.55 -16.92 -19.85
CA GLU A 102 -8.89 -18.22 -19.26
C GLU A 102 -10.37 -18.50 -19.48
N THR A 103 -10.79 -19.74 -19.22
CA THR A 103 -12.20 -20.10 -19.23
C THR A 103 -12.72 -20.18 -17.79
N TRP A 104 -13.63 -19.29 -17.42
CA TRP A 104 -14.17 -19.23 -16.05
C TRP A 104 -15.53 -19.92 -16.00
N THR A 105 -15.77 -20.74 -14.99
CA THR A 105 -17.03 -21.46 -14.91
C THR A 105 -17.68 -21.42 -13.51
N SER A 106 -18.95 -21.80 -13.48
CA SER A 106 -19.66 -22.07 -12.23
C SER A 106 -19.53 -23.55 -11.89
N SER A 107 -18.90 -24.32 -12.77
CA SER A 107 -18.80 -25.77 -12.57
C SER A 107 -17.35 -26.26 -12.41
N SER A 108 -17.13 -27.51 -12.79
CA SER A 108 -15.81 -28.13 -12.66
C SER A 108 -15.03 -28.01 -13.96
N LYS A 109 -15.64 -27.43 -14.98
CA LYS A 109 -14.94 -27.23 -16.24
C LYS A 109 -14.08 -25.98 -16.07
N GLY A 110 -13.10 -25.79 -16.95
CA GLY A 110 -12.23 -24.62 -16.84
C GLY A 110 -11.87 -24.32 -15.40
N TYR A 111 -11.76 -23.04 -15.06
CA TYR A 111 -11.47 -22.67 -13.67
C TYR A 111 -12.73 -22.24 -12.97
N ASN A 112 -13.00 -22.84 -11.82
CA ASN A 112 -14.16 -22.44 -11.04
C ASN A 112 -13.92 -21.04 -10.47
N LEU A 113 -14.73 -20.07 -10.88
CA LEU A 113 -14.51 -18.68 -10.49
C LEU A 113 -14.60 -18.52 -8.97
N PHE A 114 -15.60 -19.14 -8.35
CA PHE A 114 -15.72 -19.10 -6.89
C PHE A 114 -14.43 -19.48 -6.18
N LEU A 115 -13.85 -20.61 -6.57
CA LEU A 115 -12.67 -21.11 -5.87
C LEU A 115 -11.46 -20.21 -6.07
N VAL A 116 -11.21 -19.78 -7.30
CA VAL A 116 -10.09 -18.89 -7.54
C VAL A 116 -10.29 -17.53 -6.86
N ALA A 117 -11.50 -17.02 -6.89
CA ALA A 117 -11.81 -15.76 -6.22
C ALA A 117 -11.59 -15.88 -4.71
N ALA A 118 -12.06 -16.96 -4.11
CA ALA A 118 -11.85 -17.17 -2.69
C ALA A 118 -10.35 -17.09 -2.39
N HIS A 119 -9.55 -17.75 -3.20
CA HIS A 119 -8.09 -17.70 -3.04
C HIS A 119 -7.56 -16.27 -3.22
N GLU A 120 -7.96 -15.59 -4.30
CA GLU A 120 -7.48 -14.24 -4.57
C GLU A 120 -7.87 -13.24 -3.47
N PHE A 121 -9.09 -13.35 -2.96
CA PHE A 121 -9.52 -12.45 -1.90
C PHE A 121 -8.72 -12.65 -0.61
N GLY A 122 -8.18 -13.87 -0.43
CA GLY A 122 -7.21 -14.10 0.64
C GLY A 122 -6.05 -13.11 0.53
N HIS A 123 -5.53 -12.96 -0.69
CA HIS A 123 -4.48 -11.99 -0.96
C HIS A 123 -4.98 -10.56 -0.70
N SER A 124 -6.17 -10.25 -1.20
CA SER A 124 -6.72 -8.90 -1.02
C SER A 124 -6.85 -8.53 0.46
N LEU A 125 -6.88 -9.54 1.34
CA LEU A 125 -7.06 -9.29 2.77
C LEU A 125 -5.76 -9.36 3.58
N GLY A 126 -4.67 -9.77 2.93
CA GLY A 126 -3.37 -9.78 3.58
C GLY A 126 -2.70 -11.15 3.74
N LEU A 127 -3.27 -12.18 3.13
CA LEU A 127 -2.63 -13.50 3.13
C LEU A 127 -1.76 -13.72 1.90
N ASP A 128 -0.55 -14.24 2.11
CA ASP A 128 0.34 -14.65 1.03
C ASP A 128 0.10 -16.13 0.81
N HIS A 129 0.92 -16.79 -0.02
CA HIS A 129 0.76 -18.21 -0.25
C HIS A 129 1.20 -19.04 0.95
N SER A 130 0.52 -20.15 1.19
CA SER A 130 0.85 -21.09 2.26
C SER A 130 1.60 -22.31 1.74
N LYS A 131 2.38 -22.96 2.61
CA LYS A 131 3.05 -24.20 2.25
C LYS A 131 2.23 -25.42 2.67
N ASP A 132 1.14 -25.20 3.40
CA ASP A 132 0.22 -26.28 3.77
C ASP A 132 -0.51 -26.77 2.51
N PRO A 133 -0.25 -28.02 2.10
CA PRO A 133 -0.77 -28.52 0.82
C PRO A 133 -2.31 -28.56 0.77
N GLY A 134 -2.96 -28.54 1.93
CA GLY A 134 -4.41 -28.55 1.95
C GLY A 134 -5.04 -27.17 2.00
N ALA A 135 -4.22 -26.12 2.09
CA ALA A 135 -4.72 -24.78 2.28
C ALA A 135 -5.35 -24.16 1.02
N LEU A 136 -6.37 -23.34 1.21
CA LEU A 136 -6.94 -22.55 0.13
C LEU A 136 -5.84 -21.67 -0.47
N MET A 137 -4.96 -21.15 0.37
CA MET A 137 -3.88 -20.26 -0.09
C MET A 137 -2.65 -20.99 -0.67
N PHE A 138 -2.70 -22.31 -0.75
CA PHE A 138 -1.71 -23.08 -1.48
C PHE A 138 -1.78 -22.64 -2.95
N PRO A 139 -0.63 -22.33 -3.56
CA PRO A 139 -0.57 -21.66 -4.87
C PRO A 139 -0.95 -22.53 -6.07
N ILE A 140 -1.65 -23.64 -5.85
CA ILE A 140 -2.02 -24.52 -6.96
C ILE A 140 -3.52 -24.81 -6.92
N TYR A 141 -4.16 -24.63 -8.06
CA TYR A 141 -5.62 -24.76 -8.16
C TYR A 141 -6.09 -26.20 -8.03
N THR A 142 -7.12 -26.40 -7.21
CA THR A 142 -7.79 -27.70 -7.08
C THR A 142 -9.28 -27.45 -7.13
N TYR A 143 -10.02 -28.36 -7.76
CA TYR A 143 -11.47 -28.24 -7.77
C TYR A 143 -12.16 -29.18 -6.78
N THR A 144 -13.10 -28.64 -6.01
CA THR A 144 -14.05 -29.46 -5.27
C THR A 144 -15.38 -28.72 -5.13
N GLY A 145 -16.45 -29.48 -4.85
CA GLY A 145 -17.53 -28.97 -4.01
C GLY A 145 -16.80 -28.87 -2.68
N PHE A 149 -17.61 -26.23 -0.45
CA PHE A 149 -16.54 -25.63 0.35
C PHE A 149 -16.57 -25.56 1.88
N MET A 150 -15.49 -26.01 2.49
CA MET A 150 -15.14 -25.68 3.87
C MET A 150 -13.72 -25.11 3.92
N LEU A 151 -13.55 -23.95 4.53
CA LEU A 151 -12.25 -23.28 4.60
C LEU A 151 -11.28 -24.07 5.47
N PRO A 152 -10.14 -24.48 4.90
CA PRO A 152 -9.15 -25.27 5.66
C PRO A 152 -8.62 -24.51 6.86
N ASP A 153 -8.17 -25.24 7.88
CA ASP A 153 -7.75 -24.62 9.13
C ASP A 153 -6.53 -23.72 8.99
N ASP A 154 -5.62 -24.05 8.07
CA ASP A 154 -4.47 -23.18 7.87
C ASP A 154 -4.90 -21.77 7.43
N ASP A 155 -5.94 -21.69 6.62
CA ASP A 155 -6.41 -20.38 6.17
C ASP A 155 -7.21 -19.69 7.27
N VAL A 156 -7.95 -20.48 8.05
CA VAL A 156 -8.62 -19.93 9.23
C VAL A 156 -7.62 -19.31 10.20
N GLN A 157 -6.59 -20.08 10.58
CA GLN A 157 -5.57 -19.54 11.48
C GLN A 157 -4.90 -18.30 10.89
N GLY A 158 -4.61 -18.33 9.59
CA GLY A 158 -4.00 -17.19 8.96
C GLY A 158 -4.87 -15.95 9.04
N ILE A 159 -6.13 -16.07 8.64
CA ILE A 159 -6.96 -14.88 8.53
C ILE A 159 -7.31 -14.33 9.92
N GLN A 160 -7.41 -15.22 10.91
CA GLN A 160 -7.73 -14.79 12.27
C GLN A 160 -6.52 -14.17 12.96
N SER A 161 -5.31 -14.49 12.49
CA SER A 161 -4.11 -13.84 13.02
C SER A 161 -4.12 -12.35 12.68
N LEU A 162 -4.80 -12.00 11.59
CA LEU A 162 -4.88 -10.61 11.14
C LEU A 162 -6.08 -9.87 11.75
N TYR A 163 -7.26 -10.48 11.68
CA TYR A 163 -8.51 -9.77 11.96
C TYR A 163 -9.27 -10.30 13.17
N GLY A 164 -8.78 -11.40 13.75
CA GLY A 164 -9.50 -12.06 14.80
C GLY A 164 -10.65 -12.89 14.24
N PRO A 165 -11.37 -13.57 15.13
CA PRO A 165 -12.38 -14.56 14.76
C PRO A 165 -13.76 -13.98 14.49
N GLY A 166 -14.02 -12.76 14.92
CA GLY A 166 -15.38 -12.25 14.92
C GLY A 166 -16.21 -13.16 15.81
N ASP A 167 -17.51 -13.21 15.58
CA ASP A 167 -18.41 -14.04 16.37
C ASP A 167 -18.06 -15.51 16.18
N GLU A 168 -17.66 -16.15 17.27
CA GLU A 168 -17.19 -17.53 17.23
C GLU A 168 -18.34 -18.54 17.18
N ASP A 169 -19.58 -18.07 17.27
CA ASP A 169 -20.73 -18.99 17.18
C ASP A 169 -21.97 -18.34 16.58
N TYR B 1 0.64 -21.02 7.11
CA TYR B 1 0.17 -19.82 6.42
C TYR B 1 1.26 -18.74 6.40
N ASN B 2 1.06 -17.74 5.56
CA ASN B 2 2.00 -16.63 5.47
C ASN B 2 1.20 -15.34 5.31
N VAL B 3 1.61 -14.30 6.00
CA VAL B 3 0.99 -13.01 5.80
C VAL B 3 2.01 -12.13 5.12
N PHE B 4 1.62 -10.92 4.73
CA PHE B 4 2.55 -9.95 4.19
C PHE B 4 3.19 -9.15 5.32
N PRO B 5 4.40 -9.55 5.74
CA PRO B 5 5.07 -8.93 6.88
C PRO B 5 5.54 -7.51 6.57
N ARG B 6 5.27 -6.58 7.47
CA ARG B 6 5.70 -5.20 7.31
C ARG B 6 6.99 -4.93 8.08
N THR B 7 7.90 -4.19 7.46
CA THR B 7 9.10 -3.73 8.14
C THR B 7 8.73 -2.50 8.96
N LEU B 8 8.45 -2.70 10.25
CA LEU B 8 8.05 -1.60 11.11
C LEU B 8 9.08 -0.48 11.08
N LYS B 9 10.34 -0.85 11.26
CA LYS B 9 11.42 0.12 11.31
C LYS B 9 12.62 -0.40 10.52
N TRP B 10 13.50 0.52 10.12
CA TRP B 10 14.74 0.14 9.46
C TRP B 10 15.56 -0.71 10.42
N SER B 11 16.18 -1.76 9.88
CA SER B 11 16.98 -2.68 10.67
C SER B 11 18.36 -2.12 10.95
N LYS B 12 18.69 -0.98 10.34
CA LYS B 12 19.99 -0.37 10.53
C LYS B 12 19.84 1.12 10.83
N MET B 13 20.81 1.67 11.56
CA MET B 13 20.73 3.07 11.96
C MET B 13 21.31 4.02 10.92
N ASN B 14 22.16 3.49 10.03
CA ASN B 14 22.81 4.32 9.02
C ASN B 14 22.14 4.15 7.67
N LEU B 15 21.51 5.21 7.20
CA LEU B 15 20.72 5.14 5.99
C LEU B 15 21.29 6.09 4.94
N THR B 16 21.17 5.69 3.68
CA THR B 16 21.61 6.54 2.58
C THR B 16 20.39 7.06 1.84
N TYR B 17 20.54 8.22 1.23
CA TYR B 17 19.50 8.75 0.37
C TYR B 17 20.11 9.30 -0.89
N ARG B 18 19.32 9.40 -1.95
CA ARG B 18 19.80 9.96 -3.20
C ARG B 18 18.74 10.85 -3.81
N ILE B 19 19.13 12.06 -4.20
CA ILE B 19 18.23 12.95 -4.90
C ILE B 19 18.35 12.63 -6.39
N VAL B 20 17.38 11.87 -6.91
CA VAL B 20 17.45 11.39 -8.29
C VAL B 20 17.29 12.49 -9.33
N ASN B 21 16.37 13.41 -9.09
CA ASN B 21 16.18 14.55 -9.96
C ASN B 21 15.69 15.76 -9.18
N TYR B 22 15.46 16.86 -9.89
CA TYR B 22 15.26 18.16 -9.24
C TYR B 22 14.07 18.93 -9.81
N THR B 23 13.37 19.65 -8.94
CA THR B 23 12.26 20.50 -9.38
C THR B 23 12.78 21.75 -10.10
N PRO B 24 12.02 22.24 -11.09
CA PRO B 24 12.36 23.51 -11.74
C PRO B 24 12.21 24.71 -10.82
N ASP B 25 11.48 24.54 -9.71
CA ASP B 25 11.07 25.67 -8.87
C ASP B 25 12.17 26.28 -8.01
N MET B 26 13.20 25.50 -7.71
CA MET B 26 14.22 25.88 -6.75
C MET B 26 15.59 25.53 -7.33
N THR B 27 16.65 26.18 -6.85
CA THR B 27 18.01 25.84 -7.27
C THR B 27 18.39 24.48 -6.70
N HIS B 28 19.36 23.80 -7.32
CA HIS B 28 19.86 22.53 -6.78
C HIS B 28 20.27 22.67 -5.32
N SER B 29 20.98 23.75 -5.02
CA SER B 29 21.44 24.03 -3.67
C SER B 29 20.26 24.17 -2.69
N GLU B 30 19.21 24.87 -3.08
CA GLU B 30 18.04 25.03 -2.20
C GLU B 30 17.39 23.68 -1.93
N VAL B 31 17.30 22.84 -2.96
CA VAL B 31 16.67 21.55 -2.82
C VAL B 31 17.51 20.65 -1.89
N GLU B 32 18.81 20.64 -2.11
CA GLU B 32 19.70 19.80 -1.32
C GLU B 32 19.67 20.21 0.15
N LYS B 33 19.62 21.51 0.41
CA LYS B 33 19.57 22.03 1.78
C LYS B 33 18.25 21.71 2.49
N ALA B 34 17.13 21.80 1.76
CA ALA B 34 15.84 21.42 2.32
C ALA B 34 15.79 19.96 2.71
N PHE B 35 16.28 19.07 1.83
CA PHE B 35 16.26 17.65 2.14
C PHE B 35 17.23 17.35 3.30
N LYS B 36 18.41 17.94 3.28
CA LYS B 36 19.36 17.72 4.37
C LYS B 36 18.76 18.13 5.73
N LYS B 37 18.09 19.27 5.74
CA LYS B 37 17.42 19.78 6.93
C LYS B 37 16.24 18.89 7.36
N ALA B 38 15.50 18.37 6.39
CA ALA B 38 14.38 17.47 6.70
C ALA B 38 14.86 16.18 7.38
N PHE B 39 15.98 15.63 6.93
CA PHE B 39 16.56 14.45 7.60
C PHE B 39 17.06 14.77 9.00
N LYS B 40 17.63 15.95 9.16
CA LYS B 40 18.21 16.39 10.43
C LYS B 40 17.13 16.46 11.51
N VAL B 41 15.91 16.81 11.11
CA VAL B 41 14.78 16.80 12.03
C VAL B 41 14.67 15.47 12.76
N TRP B 42 14.81 14.37 12.03
CA TRP B 42 14.64 13.04 12.60
C TRP B 42 15.93 12.49 13.22
N SER B 43 17.07 12.77 12.60
CA SER B 43 18.34 12.30 13.15
C SER B 43 18.73 13.02 14.44
N ASP B 44 18.22 14.25 14.63
CA ASP B 44 18.48 15.01 15.86
C ASP B 44 17.90 14.36 17.13
N VAL B 45 16.86 13.54 16.98
CA VAL B 45 16.20 12.96 18.16
C VAL B 45 16.24 11.43 18.18
N THR B 46 17.06 10.84 17.32
CA THR B 46 17.23 9.39 17.26
C THR B 46 18.70 9.03 17.00
N PRO B 47 19.02 7.73 16.99
CA PRO B 47 20.38 7.34 16.60
C PRO B 47 20.52 7.24 15.08
N LEU B 48 19.47 7.57 14.34
CA LEU B 48 19.53 7.50 12.88
C LEU B 48 20.58 8.45 12.29
N ASN B 49 21.30 8.00 11.28
CA ASN B 49 22.21 8.85 10.51
C ASN B 49 21.87 8.75 9.02
N PHE B 50 21.98 9.86 8.31
CA PHE B 50 21.65 9.89 6.89
C PHE B 50 22.82 10.42 6.07
N THR B 51 23.22 9.68 5.05
CA THR B 51 24.30 10.13 4.20
C THR B 51 23.83 10.14 2.76
N ARG B 52 24.21 11.19 2.03
CA ARG B 52 23.79 11.36 0.66
C ARG B 52 24.68 10.58 -0.31
N LEU B 53 24.06 9.83 -1.22
CA LEU B 53 24.78 9.24 -2.34
C LEU B 53 24.42 10.00 -3.62
N HIS B 54 25.36 10.07 -4.56
CA HIS B 54 25.14 10.78 -5.82
C HIS B 54 24.83 9.85 -6.99
N ASP B 55 25.02 8.56 -6.79
CA ASP B 55 24.82 7.58 -7.86
C ASP B 55 24.38 6.25 -7.27
N GLY B 56 23.70 5.46 -8.08
CA GLY B 56 23.34 4.11 -7.71
C GLY B 56 22.21 4.05 -6.72
N ILE B 57 22.08 2.88 -6.09
CA ILE B 57 20.93 2.61 -5.25
C ILE B 57 21.19 3.09 -3.83
N ALA B 58 20.18 3.76 -3.27
CA ALA B 58 20.22 4.23 -1.90
C ALA B 58 18.99 3.72 -1.19
N ASP B 59 19.04 3.69 0.14
CA ASP B 59 17.89 3.29 0.94
C ASP B 59 16.68 4.18 0.63
N ILE B 60 16.87 5.49 0.62
CA ILE B 60 15.78 6.42 0.38
C ILE B 60 16.01 7.15 -0.95
N MET B 61 15.28 6.76 -1.99
CA MET B 61 15.41 7.40 -3.30
C MET B 61 14.38 8.50 -3.40
N ILE B 62 14.85 9.71 -3.68
CA ILE B 62 13.98 10.88 -3.68
C ILE B 62 13.85 11.37 -5.11
N SER B 63 12.62 11.64 -5.56
CA SER B 63 12.43 12.17 -6.89
C SER B 63 11.16 13.01 -7.03
N PHE B 64 11.11 13.79 -8.09
CA PHE B 64 9.97 14.62 -8.42
C PHE B 64 9.34 14.02 -9.65
N GLY B 65 8.02 13.83 -9.64
CA GLY B 65 7.36 13.28 -10.81
C GLY B 65 5.99 13.90 -11.01
N ILE B 66 5.38 13.67 -12.17
CA ILE B 66 4.01 14.13 -12.39
C ILE B 66 3.14 12.96 -12.82
N LYS B 67 1.86 13.03 -12.50
CA LYS B 67 0.91 12.03 -12.97
C LYS B 67 1.40 10.61 -12.70
N GLU B 68 1.35 9.75 -13.71
CA GLU B 68 1.88 8.40 -13.57
C GLU B 68 3.39 8.46 -13.74
N HIS B 69 4.12 8.03 -12.71
CA HIS B 69 5.56 8.25 -12.68
C HIS B 69 6.33 6.99 -12.32
N GLY B 70 5.67 5.84 -12.47
CA GLY B 70 6.35 4.56 -12.41
C GLY B 70 6.03 3.63 -11.24
N ASP B 71 5.03 3.97 -10.43
CA ASP B 71 4.68 3.09 -9.32
C ASP B 71 3.17 2.83 -9.24
N PHE B 72 2.43 3.34 -10.22
CA PHE B 72 0.98 3.17 -10.29
C PHE B 72 0.23 3.77 -9.09
N TYR B 73 0.87 4.72 -8.41
CA TYR B 73 0.19 5.65 -7.49
C TYR B 73 0.30 7.07 -8.09
N PRO B 74 -0.49 7.36 -9.13
CA PRO B 74 -0.30 8.59 -9.91
C PRO B 74 -0.60 9.86 -9.13
N PHE B 75 0.13 10.93 -9.41
CA PHE B 75 -0.20 12.23 -8.86
C PHE B 75 -1.29 12.85 -9.71
N ASP B 76 -1.76 14.03 -9.34
CA ASP B 76 -3.05 14.51 -9.83
C ASP B 76 -3.04 15.98 -10.29
N GLY B 77 -1.91 16.45 -10.79
CA GLY B 77 -1.82 17.84 -11.24
C GLY B 77 -1.82 18.81 -10.08
N PRO B 78 -1.94 20.12 -10.35
CA PRO B 78 -1.98 21.08 -9.26
C PRO B 78 -3.00 20.71 -8.19
N SER B 79 -2.66 20.93 -6.92
CA SER B 79 -3.56 20.65 -5.78
C SER B 79 -3.79 19.16 -5.52
N GLY B 80 -4.38 18.85 -4.37
CA GLY B 80 -4.65 17.47 -4.00
C GLY B 80 -3.44 16.81 -3.36
N LEU B 81 -3.06 15.65 -3.88
CA LEU B 81 -1.88 14.92 -3.41
C LEU B 81 -0.64 15.77 -3.65
N LEU B 82 0.22 15.92 -2.64
CA LEU B 82 1.43 16.72 -2.79
C LEU B 82 2.67 15.84 -2.94
N ALA B 83 2.63 14.69 -2.28
CA ALA B 83 3.79 13.81 -2.21
C ALA B 83 3.35 12.53 -1.54
N HIS B 84 4.10 11.46 -1.72
CA HIS B 84 3.88 10.25 -0.93
C HIS B 84 5.21 9.55 -0.71
N ALA B 85 5.26 8.68 0.28
CA ALA B 85 6.48 7.96 0.59
C ALA B 85 6.12 6.54 0.99
N PHE B 86 7.03 5.62 0.74
CA PHE B 86 6.82 4.22 1.08
C PHE B 86 7.44 3.94 2.43
N PRO B 87 6.78 3.10 3.22
CA PRO B 87 7.28 2.67 4.53
C PRO B 87 8.60 1.91 4.38
N PRO B 88 9.35 1.74 5.48
CA PRO B 88 10.66 1.07 5.45
C PRO B 88 10.57 -0.29 4.78
N GLY B 89 11.67 -0.72 4.16
CA GLY B 89 11.71 -2.01 3.50
C GLY B 89 12.59 -1.96 2.26
N PRO B 90 12.66 -3.07 1.51
CA PRO B 90 13.43 -3.17 0.27
C PRO B 90 12.68 -2.58 -0.93
N ASN B 91 13.33 -2.57 -2.09
CA ASN B 91 12.71 -2.06 -3.31
C ASN B 91 12.28 -0.62 -3.13
N TYR B 92 11.02 -0.32 -3.41
CA TYR B 92 10.50 1.04 -3.25
C TYR B 92 10.45 1.52 -1.80
N GLY B 93 10.63 0.62 -0.85
CA GLY B 93 10.56 0.98 0.57
C GLY B 93 11.43 2.16 0.96
N GLY B 94 10.85 3.14 1.62
CA GLY B 94 11.60 4.33 2.02
C GLY B 94 11.56 5.46 0.99
N ASP B 95 11.35 5.11 -0.26
CA ASP B 95 11.38 6.11 -1.34
C ASP B 95 10.35 7.23 -1.15
N ALA B 96 10.69 8.42 -1.63
CA ALA B 96 9.81 9.58 -1.47
C ALA B 96 9.64 10.31 -2.79
N HIS B 97 8.39 10.52 -3.20
CA HIS B 97 8.10 11.15 -4.48
C HIS B 97 7.32 12.41 -4.24
N PHE B 98 7.71 13.46 -4.94
CA PHE B 98 7.09 14.77 -4.81
C PHE B 98 6.43 15.17 -6.13
N ASP B 99 5.21 15.68 -6.05
CA ASP B 99 4.44 16.03 -7.23
C ASP B 99 4.96 17.31 -7.83
N ASP B 100 5.56 17.22 -9.02
CA ASP B 100 6.15 18.40 -9.63
C ASP B 100 5.14 19.23 -10.41
N ASP B 101 3.87 18.90 -10.23
CA ASP B 101 2.82 19.81 -10.66
C ASP B 101 2.44 20.76 -9.53
N GLU B 102 3.08 20.59 -8.37
CA GLU B 102 2.97 21.56 -7.28
C GLU B 102 4.10 22.56 -7.42
N THR B 103 3.92 23.73 -6.83
CA THR B 103 5.00 24.71 -6.77
C THR B 103 5.75 24.55 -5.45
N TRP B 104 7.04 24.23 -5.55
CA TRP B 104 7.88 23.98 -4.38
C TRP B 104 8.72 25.22 -4.09
N THR B 105 8.90 25.52 -2.82
CA THR B 105 9.61 26.74 -2.47
C THR B 105 10.47 26.56 -1.23
N SER B 106 11.47 27.42 -1.08
CA SER B 106 12.24 27.46 0.14
C SER B 106 11.61 28.47 1.12
N SER B 107 10.55 29.15 0.68
CA SER B 107 9.80 30.05 1.56
C SER B 107 8.31 29.69 1.64
N SER B 108 7.43 30.64 1.33
CA SER B 108 5.99 30.45 1.50
C SER B 108 5.19 30.56 0.19
N LYS B 109 5.88 30.85 -0.92
CA LYS B 109 5.22 30.98 -2.21
C LYS B 109 5.06 29.62 -2.87
N GLY B 110 4.09 28.85 -2.38
CA GLY B 110 3.93 27.47 -2.80
C GLY B 110 4.02 26.58 -1.58
N TYR B 111 4.39 25.33 -1.77
CA TYR B 111 4.60 24.43 -0.65
C TYR B 111 6.07 24.43 -0.25
N ASN B 112 6.32 24.69 1.02
CA ASN B 112 7.68 24.66 1.50
C ASN B 112 8.19 23.22 1.45
N LEU B 113 9.21 22.97 0.64
CA LEU B 113 9.73 21.63 0.42
C LEU B 113 10.26 20.99 1.71
N PHE B 114 11.02 21.75 2.49
CA PHE B 114 11.54 21.27 3.77
C PHE B 114 10.45 20.63 4.63
N LEU B 115 9.35 21.36 4.81
CA LEU B 115 8.28 20.89 5.69
C LEU B 115 7.62 19.61 5.15
N VAL B 116 7.25 19.64 3.87
CA VAL B 116 6.61 18.46 3.27
C VAL B 116 7.57 17.26 3.29
N ALA B 117 8.84 17.49 2.99
CA ALA B 117 9.85 16.42 3.08
C ALA B 117 10.00 15.87 4.49
N ALA B 118 10.02 16.76 5.48
CA ALA B 118 10.14 16.33 6.87
C ALA B 118 8.98 15.40 7.21
N HIS B 119 7.79 15.80 6.83
CA HIS B 119 6.59 14.97 6.98
C HIS B 119 6.70 13.65 6.21
N GLU B 120 7.12 13.71 4.95
CA GLU B 120 7.22 12.52 4.11
C GLU B 120 8.29 11.55 4.61
N PHE B 121 9.41 12.10 5.07
CA PHE B 121 10.47 11.26 5.63
C PHE B 121 10.00 10.56 6.92
N GLY B 122 9.05 11.17 7.62
CA GLY B 122 8.45 10.49 8.75
C GLY B 122 7.86 9.16 8.31
N HIS B 123 7.15 9.17 7.18
CA HIS B 123 6.59 7.96 6.59
C HIS B 123 7.69 6.98 6.18
N SER B 124 8.73 7.50 5.54
CA SER B 124 9.88 6.68 5.16
C SER B 124 10.49 5.94 6.35
N LEU B 125 10.37 6.52 7.54
CA LEU B 125 10.99 5.95 8.73
C LEU B 125 10.04 5.06 9.52
N GLY B 126 8.77 5.03 9.14
CA GLY B 126 7.81 4.14 9.74
C GLY B 126 6.68 4.78 10.52
N LEU B 127 6.53 6.10 10.41
CA LEU B 127 5.43 6.79 11.09
C LEU B 127 4.20 6.91 10.19
N ASP B 128 3.03 6.67 10.76
CA ASP B 128 1.77 6.85 10.09
C ASP B 128 1.33 8.26 10.41
N HIS B 129 0.14 8.64 9.95
CA HIS B 129 -0.40 9.94 10.29
C HIS B 129 -0.80 10.03 11.76
N SER B 130 -0.57 11.19 12.35
CA SER B 130 -0.97 11.44 13.73
C SER B 130 -2.37 12.02 13.76
N LYS B 131 -3.03 11.90 14.90
CA LYS B 131 -4.33 12.54 15.10
C LYS B 131 -4.16 13.84 15.89
N ASP B 132 -2.97 14.03 16.46
CA ASP B 132 -2.64 15.27 17.17
C ASP B 132 -2.48 16.42 16.17
N PRO B 133 -3.40 17.39 16.22
CA PRO B 133 -3.48 18.47 15.23
C PRO B 133 -2.21 19.32 15.16
N GLY B 134 -1.36 19.23 16.17
CA GLY B 134 -0.13 20.00 16.21
C GLY B 134 1.09 19.23 15.72
N ALA B 135 0.92 17.95 15.42
CA ALA B 135 2.03 17.10 15.02
C ALA B 135 2.50 17.36 13.60
N LEU B 136 3.79 17.13 13.35
CA LEU B 136 4.31 17.18 11.98
C LEU B 136 3.62 16.12 11.14
N MET B 137 3.34 14.96 11.75
CA MET B 137 2.72 13.85 11.03
C MET B 137 1.20 13.98 10.85
N PHE B 138 0.64 15.10 11.29
CA PHE B 138 -0.77 15.41 11.01
C PHE B 138 -0.92 15.71 9.52
N PRO B 139 -1.91 15.11 8.85
CA PRO B 139 -1.98 15.13 7.39
C PRO B 139 -2.51 16.42 6.77
N ILE B 140 -2.20 17.57 7.35
CA ILE B 140 -2.57 18.84 6.73
C ILE B 140 -1.38 19.79 6.71
N TYR B 141 -1.02 20.27 5.53
CA TYR B 141 0.12 21.17 5.42
C TYR B 141 -0.16 22.50 6.12
N THR B 142 0.83 22.99 6.86
CA THR B 142 0.72 24.30 7.47
C THR B 142 2.10 24.96 7.47
N TYR B 143 2.09 26.28 7.43
CA TYR B 143 3.32 27.07 7.35
C TYR B 143 3.22 28.14 8.44
N THR B 144 4.21 28.20 9.33
CA THR B 144 4.14 29.13 10.46
C THR B 144 4.73 30.50 10.14
N GLY B 145 5.67 30.53 9.21
CA GLY B 145 6.39 31.75 8.88
C GLY B 145 7.58 32.02 9.79
N LYS B 146 7.88 31.07 10.67
CA LYS B 146 9.01 31.20 11.60
C LYS B 146 10.28 30.64 10.96
N SER B 147 11.40 31.28 11.22
CA SER B 147 12.67 30.85 10.63
C SER B 147 13.19 29.54 11.21
N HIS B 148 12.71 29.18 12.39
CA HIS B 148 13.17 27.95 13.05
C HIS B 148 12.05 26.93 13.18
N PHE B 149 12.39 25.66 13.00
CA PHE B 149 11.43 24.57 13.14
C PHE B 149 11.71 23.71 14.36
N MET B 150 10.67 23.49 15.15
CA MET B 150 10.74 22.67 16.36
C MET B 150 9.88 21.44 16.15
N LEU B 151 10.48 20.25 16.20
CA LEU B 151 9.71 19.02 16.03
C LEU B 151 8.77 18.85 17.23
N PRO B 152 7.45 18.76 16.97
CA PRO B 152 6.48 18.63 18.06
C PRO B 152 6.72 17.37 18.90
N ASP B 153 6.31 17.42 20.17
CA ASP B 153 6.55 16.29 21.06
C ASP B 153 5.89 15.00 20.58
N ASP B 154 4.71 15.10 19.95
CA ASP B 154 4.04 13.90 19.45
C ASP B 154 4.91 13.11 18.47
N ASP B 155 5.57 13.82 17.56
CA ASP B 155 6.44 13.20 16.56
C ASP B 155 7.71 12.67 17.19
N VAL B 156 8.23 13.38 18.19
CA VAL B 156 9.41 12.93 18.92
C VAL B 156 9.12 11.60 19.61
N GLN B 157 8.04 11.54 20.37
CA GLN B 157 7.68 10.31 21.05
C GLN B 157 7.38 9.21 20.03
N GLY B 158 6.81 9.60 18.90
CA GLY B 158 6.52 8.63 17.85
C GLY B 158 7.76 7.97 17.29
N ILE B 159 8.72 8.78 16.88
CA ILE B 159 9.91 8.25 16.23
C ILE B 159 10.81 7.52 17.22
N GLN B 160 10.80 7.98 18.47
CA GLN B 160 11.65 7.38 19.49
C GLN B 160 11.09 6.03 19.96
N SER B 161 9.78 5.84 19.83
CA SER B 161 9.17 4.56 20.17
C SER B 161 9.62 3.50 19.17
N LEU B 162 10.03 3.94 17.99
CA LEU B 162 10.61 3.03 17.01
C LEU B 162 12.11 2.86 17.21
N TYR B 163 12.84 3.97 17.29
CA TYR B 163 14.31 3.91 17.25
C TYR B 163 15.02 4.31 18.54
N GLY B 164 14.29 4.84 19.50
CA GLY B 164 14.90 5.33 20.73
C GLY B 164 15.50 6.72 20.58
N PRO B 165 15.92 7.33 21.69
CA PRO B 165 16.46 8.68 21.69
C PRO B 165 17.89 8.70 21.19
N GLY B 166 18.36 9.86 20.77
CA GLY B 166 19.71 10.01 20.27
C GLY B 166 20.73 9.65 21.32
ZN ZN C . -2.21 -16.71 -4.95
ZN ZN D . -3.35 -7.05 -12.72
CA CA E . -12.86 -15.73 -20.89
CA CA F . -3.25 -16.84 -18.53
CA CA G . -8.21 -0.86 -3.94
C1 4UE H . -8.42 -25.08 -3.26
C2 4UE H . -7.13 -25.21 -2.73
C3 4UE H . -6.11 -24.42 -3.18
C5 4UE H . -7.66 -23.33 -4.73
N7 4UE H . -5.57 -22.56 -4.82
C9 4UE H . -7.61 -22.30 -5.69
C10 4UE H . -5.81 -20.80 -6.60
C14 4UE H . -3.46 -19.56 -8.65
C15 4UE H . -10.46 -26.56 -3.53
C16 4UE H . -9.52 -25.93 -2.76
C18 4UE H . -10.93 -27.00 -1.47
C20 4UE H . -9.13 -25.74 -0.25
O11 4UE H . -6.55 -20.16 -7.32
O12 4UE H . -4.48 -20.59 -6.69
C13 4UE H . -3.90 -20.87 -7.99
C8 4UE H . -6.33 -21.85 -5.73
C6 4UE H . -6.37 -23.47 -4.18
C4 4UE H . -8.69 -24.13 -4.24
N17 4UE H . -9.85 -26.20 -1.44
N19 4UE H . -11.29 -27.21 -2.70
ZN ZN I . 1.52 11.94 5.22
ZN ZN J . 5.14 7.66 -6.53
CA CA K . 7.05 22.42 -10.18
CA CA L . -1.02 17.34 -6.89
CA CA M . 14.21 2.25 -1.25
C1 4UE N . 3.63 21.08 9.83
C2 4UE N . 2.62 20.36 10.47
C3 4UE N . 1.95 19.37 9.80
C5 4UE N . 3.30 19.77 7.83
N7 4UE N . 1.79 18.15 7.60
C9 4UE N . 3.40 19.23 6.51
C10 4UE N . 2.18 17.41 5.25
C14 4UE N . -0.45 16.47 3.48
C15 4UE N . 4.76 23.35 10.01
C16 4UE N . 4.37 22.16 10.55
C18 4UE N . 5.47 23.33 12.05
C20 4UE N . 4.69 21.05 12.83
O11 4UE N . 2.78 17.55 4.20
O12 4UE N . 1.18 16.51 5.31
C13 4UE N . 0.88 15.91 4.02
C8 4UE N . 2.47 18.25 6.41
C6 4UE N . 2.28 19.07 8.48
C4 4UE N . 3.99 20.79 8.51
N17 4UE N . 4.84 22.14 11.84
N19 4UE N . 5.41 24.05 10.95
#